data_5U5M
#
_entry.id   5U5M
#
_cell.length_a   53.530
_cell.length_b   105.470
_cell.length_c   117.130
_cell.angle_alpha   90.00
_cell.angle_beta   90.00
_cell.angle_gamma   90.00
#
_symmetry.space_group_name_H-M   'P 21 21 21'
#
loop_
_entity.id
_entity.type
_entity.pdbx_description
1 polymer 'MEMAB TRASTUZUMAB, LIGHT CHAIN'
2 polymer 'MEMAB TRASTUZUMAB, HEAVY CHAIN'
3 polymer 'Protein L'
4 polymer 'Immunoglobulin G binding protein A'
5 polymer AZIDO-PEG4-MEDITOPE
6 non-polymer MESO-ERYTHRITOL
7 water water
#
loop_
_entity_poly.entity_id
_entity_poly.type
_entity_poly.pdbx_seq_one_letter_code
_entity_poly.pdbx_strand_id
1 'polypeptide(L)'
;DIQMTQSPILLSASVGDRVTITCRASQDVNTAVAWYQQRTNGSPRLLIYSASFLYSGVPSRFSGSRSGTDFTLTISSLQP
EDEADYYCQQHYTTPPTFGAGTKVEIKRTVAAPSVFIFPPSDEQLKSGTASVVCLLNNFYPREAKVQWKVDNALQSGNSQ
ESVTEQDSKDSTYSLSSTLTLSKADYEKHKVYACEVTHQGLSSPVTKSFNRGEC
;
A
2 'polypeptide(L)'
;EVQLVESGGGLVQPGGSLRLSCAASGFNIKDTYIHWVRQSPGKGLEWVARIYPTNGYTRYADSVKGRFTISADTSKNTAY
LQMNSLRAEDTAIYYCSRWGGDGFYAMDYWGQGTLVTVSSASTKGPSVFPLAPSSKSTSGGTAALGCLVKDYFPEPVTVS
WNSGALTSGVHTFPAVLQSSGLYSLSSVVTVPSSSLGTQTYICNVNHKPSNTKVDKKVEPKSC
;
B
3 'polypeptide(L)' SEVTIKVNLIFADGKIQTAEFKGTFEEATAEAYRYAALLAKVNGEYTADLEDGGNHMNIKFAG E
4 'polypeptide(L)' GSYNKDQQSAFYEILNMPNLNEAQRNGFIQSLKDDPSQSTNVLGEAKKLNESQA C
5 'polypeptide(L)' (ACE)CQFD(2GX)ST(56C)RLRC D
#
loop_
_chem_comp.id
_chem_comp.type
_chem_comp.name
_chem_comp.formula
ACE non-polymer 'ACETYL GROUP' 'C2 H4 O'
MRY non-polymer MESO-ERYTHRITOL 'C4 H10 O4'
#
# COMPACT_ATOMS: atom_id res chain seq x y z
N ASP A 1 3.71 24.60 -9.24
CA ASP A 1 3.37 23.21 -9.52
C ASP A 1 1.88 23.08 -9.80
N ILE A 2 1.48 21.95 -10.37
CA ILE A 2 0.09 21.71 -10.68
C ILE A 2 -0.45 20.66 -9.73
N GLN A 3 -1.60 20.91 -9.13
CA GLN A 3 -2.14 19.88 -8.28
C GLN A 3 -3.32 19.23 -8.94
N MET A 4 -3.50 17.95 -8.63
CA MET A 4 -4.56 17.13 -9.22
C MET A 4 -5.49 16.72 -8.09
N THR A 5 -6.76 17.09 -8.19
CA THR A 5 -7.68 16.83 -7.08
C THR A 5 -8.67 15.77 -7.50
N GLN A 6 -8.63 14.60 -6.86
CA GLN A 6 -9.53 13.49 -7.16
C GLN A 6 -10.71 13.38 -6.23
N SER A 7 -11.88 13.12 -6.80
N SER A 7 -11.88 13.10 -6.79
CA SER A 7 -13.12 12.91 -6.06
CA SER A 7 -13.09 12.89 -6.00
C SER A 7 -13.86 11.73 -6.67
C SER A 7 -13.90 11.78 -6.66
N PRO A 8 -14.67 11.02 -5.86
CA PRO A 8 -14.67 11.09 -4.39
C PRO A 8 -13.42 10.36 -3.88
N ILE A 9 -13.15 10.33 -2.59
CA ILE A 9 -11.98 9.58 -2.13
C ILE A 9 -12.31 8.08 -2.04
N LEU A 10 -13.58 7.75 -1.90
CA LEU A 10 -14.03 6.36 -1.78
C LEU A 10 -15.35 6.22 -2.50
N LEU A 11 -15.49 5.17 -3.29
CA LEU A 11 -16.74 4.89 -3.99
C LEU A 11 -17.02 3.39 -3.89
N SER A 12 -18.24 3.05 -3.52
CA SER A 12 -18.63 1.66 -3.35
C SER A 12 -19.85 1.38 -4.23
N ALA A 13 -19.76 0.34 -5.07
CA ALA A 13 -20.83 0.07 -6.03
C ALA A 13 -20.95 -1.43 -6.28
N SER A 14 -22.08 -1.85 -6.84
CA SER A 14 -22.31 -3.27 -7.11
C SER A 14 -21.71 -3.70 -8.43
N VAL A 15 -21.44 -5.00 -8.55
CA VAL A 15 -20.97 -5.57 -9.80
C VAL A 15 -21.97 -5.23 -10.89
N GLY A 16 -21.47 -4.79 -12.04
CA GLY A 16 -22.32 -4.43 -13.16
C GLY A 16 -22.72 -2.97 -13.21
N ASP A 17 -22.49 -2.23 -12.13
CA ASP A 17 -22.83 -0.81 -12.08
C ASP A 17 -21.89 0.01 -12.94
N ARG A 18 -22.37 1.17 -13.37
CA ARG A 18 -21.51 2.17 -14.01
CA ARG A 18 -21.49 2.15 -14.01
C ARG A 18 -20.95 3.10 -12.94
N VAL A 19 -19.63 3.24 -12.91
CA VAL A 19 -19.02 4.12 -11.91
CA VAL A 19 -18.96 4.05 -11.90
C VAL A 19 -18.16 5.17 -12.57
N THR A 20 -18.18 6.37 -11.99
CA THR A 20 -17.44 7.52 -12.50
C THR A 20 -16.63 8.15 -11.40
N ILE A 21 -15.34 8.35 -11.65
CA ILE A 21 -14.49 9.07 -10.71
C ILE A 21 -13.86 10.25 -11.43
N THR A 22 -13.49 11.28 -10.67
CA THR A 22 -13.10 12.54 -11.29
C THR A 22 -11.74 13.05 -10.83
N CYS A 23 -11.15 13.92 -11.63
CA CYS A 23 -9.86 14.49 -11.33
C CYS A 23 -9.81 15.92 -11.86
N ARG A 24 -9.47 16.88 -11.01
CA ARG A 24 -9.44 18.27 -11.47
C ARG A 24 -8.02 18.81 -11.40
N ALA A 25 -7.55 19.43 -12.49
CA ALA A 25 -6.22 20.04 -12.48
C ALA A 25 -6.32 21.49 -12.03
N SER A 26 -5.33 21.95 -11.28
CA SER A 26 -5.39 23.32 -10.72
C SER A 26 -5.17 24.39 -11.81
N GLN A 27 -4.71 23.96 -12.98
CA GLN A 27 -4.57 24.85 -14.12
C GLN A 27 -4.51 24.01 -15.38
N ASP A 28 -4.50 24.66 -16.54
CA ASP A 28 -4.53 23.95 -17.82
C ASP A 28 -3.44 22.88 -17.94
N VAL A 29 -3.83 21.64 -18.24
CA VAL A 29 -2.87 20.58 -18.53
C VAL A 29 -3.14 19.98 -19.90
N ASN A 30 -3.89 20.71 -20.74
CA ASN A 30 -4.28 20.20 -22.05
C ASN A 30 -4.95 18.84 -21.87
N THR A 31 -4.54 17.84 -22.64
CA THR A 31 -5.01 16.48 -22.43
C THR A 31 -3.95 15.57 -21.79
N ALA A 32 -2.91 16.16 -21.22
CA ALA A 32 -1.76 15.37 -20.74
C ALA A 32 -2.03 14.71 -19.39
N VAL A 33 -3.07 13.88 -19.36
CA VAL A 33 -3.49 13.25 -18.14
C VAL A 33 -3.60 11.74 -18.29
N ALA A 34 -3.00 10.99 -17.37
CA ALA A 34 -3.09 9.53 -17.36
C ALA A 34 -3.81 9.01 -16.11
N TRP A 35 -4.40 7.82 -16.24
CA TRP A 35 -5.05 7.13 -15.12
C TRP A 35 -4.37 5.80 -14.87
N TYR A 36 -4.10 5.53 -13.59
CA TYR A 36 -3.46 4.29 -13.18
C TYR A 36 -4.36 3.54 -12.23
N GLN A 37 -4.25 2.21 -12.27
CA GLN A 37 -4.93 1.32 -11.33
C GLN A 37 -3.89 0.70 -10.41
N GLN A 38 -4.20 0.58 -9.12
CA GLN A 38 -3.31 -0.16 -8.23
C GLN A 38 -4.13 -1.19 -7.46
N ARG A 39 -3.91 -2.46 -7.79
CA ARG A 39 -4.59 -3.54 -7.08
C ARG A 39 -3.79 -3.95 -5.86
N THR A 40 -4.40 -4.74 -4.98
CA THR A 40 -3.74 -5.15 -3.75
C THR A 40 -2.43 -5.89 -4.06
N ASN A 41 -1.37 -5.51 -3.36
CA ASN A 41 -0.01 -6.04 -3.52
C ASN A 41 0.68 -5.63 -4.83
N GLY A 42 0.09 -4.70 -5.57
CA GLY A 42 0.58 -4.39 -6.91
C GLY A 42 1.25 -3.03 -7.08
N SER A 43 1.80 -2.81 -8.27
CA SER A 43 2.35 -1.52 -8.70
C SER A 43 1.31 -0.77 -9.52
N PRO A 44 1.46 0.55 -9.68
CA PRO A 44 0.50 1.24 -10.54
C PRO A 44 0.51 0.68 -11.96
N ARG A 45 -0.68 0.51 -12.54
CA ARG A 45 -0.80 0.00 -13.91
C ARG A 45 -1.56 1.00 -14.79
N LEU A 46 -1.00 1.31 -15.96
CA LEU A 46 -1.59 2.30 -16.86
C LEU A 46 -2.91 1.80 -17.48
N LEU A 47 -3.98 2.59 -17.32
CA LEU A 47 -5.28 2.32 -17.94
C LEU A 47 -5.54 3.22 -19.15
N ILE A 48 -5.42 4.52 -18.92
CA ILE A 48 -5.81 5.54 -19.89
C ILE A 48 -4.70 6.56 -19.98
N TYR A 49 -4.34 6.98 -21.19
CA TYR A 49 -3.33 8.02 -21.37
C TYR A 49 -3.89 9.12 -22.28
N SER A 50 -3.30 10.30 -22.23
CA SER A 50 -3.78 11.46 -22.97
C SER A 50 -5.29 11.69 -22.82
N ALA A 51 -5.74 11.60 -21.56
CA ALA A 51 -7.13 11.84 -21.13
C ALA A 51 -8.15 10.79 -21.58
N SER A 52 -8.07 10.31 -22.82
CA SER A 52 -9.17 9.52 -23.33
C SER A 52 -8.80 8.24 -24.09
N PHE A 53 -7.51 7.89 -24.11
CA PHE A 53 -7.08 6.76 -24.93
C PHE A 53 -6.75 5.55 -24.08
N LEU A 54 -7.30 4.41 -24.51
CA LEU A 54 -7.19 3.16 -23.77
C LEU A 54 -5.84 2.49 -24.02
N TYR A 55 -5.13 2.15 -22.96
CA TYR A 55 -3.86 1.46 -23.11
C TYR A 55 -4.12 0.04 -23.61
N SER A 56 -3.16 -0.52 -24.33
CA SER A 56 -3.31 -1.87 -24.87
CA SER A 56 -3.29 -1.88 -24.87
C SER A 56 -3.55 -2.90 -23.77
N GLY A 57 -4.51 -3.79 -24.01
CA GLY A 57 -4.87 -4.83 -23.07
C GLY A 57 -5.81 -4.42 -21.96
N VAL A 58 -6.16 -3.13 -21.91
CA VAL A 58 -7.10 -2.66 -20.89
C VAL A 58 -8.53 -2.91 -21.36
N PRO A 59 -9.40 -3.44 -20.48
CA PRO A 59 -10.77 -3.76 -20.89
C PRO A 59 -11.52 -2.54 -21.43
N SER A 60 -12.34 -2.77 -22.45
CA SER A 60 -13.07 -1.67 -23.09
C SER A 60 -14.12 -1.03 -22.17
N ARG A 61 -14.40 -1.63 -21.01
CA ARG A 61 -15.34 -1.01 -20.08
C ARG A 61 -14.74 0.23 -19.42
N PHE A 62 -13.44 0.44 -19.61
CA PHE A 62 -12.79 1.65 -19.11
C PHE A 62 -12.83 2.74 -20.18
N SER A 63 -13.10 3.97 -19.75
CA SER A 63 -13.02 5.10 -20.66
C SER A 63 -12.71 6.38 -19.88
N GLY A 64 -12.15 7.37 -20.58
CA GLY A 64 -11.77 8.60 -19.96
C GLY A 64 -12.26 9.77 -20.80
N SER A 65 -12.52 10.90 -20.15
CA SER A 65 -12.89 12.10 -20.88
C SER A 65 -12.34 13.34 -20.20
N ARG A 66 -12.26 14.43 -20.97
CA ARG A 66 -11.79 15.71 -20.48
C ARG A 66 -12.79 16.81 -20.79
N SER A 67 -13.01 17.71 -19.84
CA SER A 67 -13.72 18.95 -20.08
C SER A 67 -12.98 20.09 -19.37
N GLY A 68 -12.24 20.86 -20.15
CA GLY A 68 -11.41 21.93 -19.58
C GLY A 68 -10.34 21.32 -18.68
N THR A 69 -10.41 21.62 -17.39
CA THR A 69 -9.46 21.06 -16.42
C THR A 69 -10.06 19.93 -15.61
N ASP A 70 -11.25 19.47 -16.02
CA ASP A 70 -11.91 18.33 -15.38
C ASP A 70 -11.77 17.04 -16.18
N PHE A 71 -11.34 15.98 -15.51
CA PHE A 71 -11.12 14.70 -16.17
C PHE A 71 -11.92 13.64 -15.46
N THR A 72 -12.49 12.72 -16.22
CA THR A 72 -13.27 11.64 -15.64
C THR A 72 -12.81 10.29 -16.12
N LEU A 73 -12.80 9.33 -15.21
CA LEU A 73 -12.62 7.92 -15.56
CA LEU A 73 -12.63 7.93 -15.58
C LEU A 73 -13.94 7.21 -15.29
N THR A 74 -14.43 6.46 -16.27
CA THR A 74 -15.67 5.72 -16.11
C THR A 74 -15.44 4.23 -16.34
N ILE A 75 -15.99 3.41 -15.45
CA ILE A 75 -16.10 1.97 -15.70
C ILE A 75 -17.56 1.65 -15.99
N SER A 76 -17.85 1.19 -17.20
CA SER A 76 -19.24 1.04 -17.63
C SER A 76 -19.97 -0.11 -16.95
N SER A 77 -19.23 -1.11 -16.49
CA SER A 77 -19.80 -2.31 -15.90
C SER A 77 -18.83 -2.89 -14.89
N LEU A 78 -18.97 -2.46 -13.65
CA LEU A 78 -17.99 -2.76 -12.63
C LEU A 78 -17.81 -4.26 -12.42
N GLN A 79 -16.57 -4.72 -12.48
CA GLN A 79 -16.23 -6.12 -12.26
C GLN A 79 -15.51 -6.28 -10.94
N PRO A 80 -15.61 -7.48 -10.35
CA PRO A 80 -14.94 -7.77 -9.07
C PRO A 80 -13.45 -7.43 -9.10
N GLU A 81 -12.80 -7.65 -10.23
CA GLU A 81 -11.35 -7.42 -10.33
C GLU A 81 -11.00 -5.93 -10.50
N ASP A 82 -12.01 -5.07 -10.56
CA ASP A 82 -11.79 -3.63 -10.67
C ASP A 82 -11.63 -3.00 -9.31
N GLU A 83 -11.87 -3.82 -8.28
CA GLU A 83 -11.66 -3.43 -6.90
C GLU A 83 -10.19 -3.03 -6.76
N ALA A 84 -9.93 -1.75 -6.53
CA ALA A 84 -8.58 -1.18 -6.62
C ALA A 84 -8.61 0.30 -6.26
N ASP A 85 -7.43 0.91 -6.20
CA ASP A 85 -7.31 2.36 -6.13
C ASP A 85 -7.00 2.90 -7.52
N TYR A 86 -7.49 4.09 -7.81
CA TYR A 86 -7.29 4.74 -9.11
C TYR A 86 -6.66 6.08 -8.90
N TYR A 87 -5.65 6.37 -9.70
CA TYR A 87 -4.89 7.60 -9.60
C TYR A 87 -4.82 8.31 -10.93
N CYS A 88 -4.97 9.61 -10.92
CA CYS A 88 -4.70 10.36 -12.10
CA CYS A 88 -4.73 10.42 -12.10
C CYS A 88 -3.36 11.10 -11.99
N GLN A 89 -2.80 11.48 -13.13
CA GLN A 89 -1.46 12.08 -13.17
C GLN A 89 -1.34 13.03 -14.36
N GLN A 90 -0.90 14.26 -14.12
CA GLN A 90 -0.62 15.17 -15.24
C GLN A 90 0.87 15.14 -15.58
N HIS A 91 1.19 15.22 -16.87
N HIS A 91 1.20 15.24 -16.86
CA HIS A 91 2.57 15.34 -17.35
CA HIS A 91 2.59 15.33 -17.31
C HIS A 91 2.76 16.58 -18.21
C HIS A 91 2.76 16.58 -18.19
N TYR A 92 1.91 17.57 -18.01
CA TYR A 92 1.97 18.80 -18.80
C TYR A 92 3.15 19.67 -18.41
N THR A 93 3.39 19.79 -17.11
CA THR A 93 4.52 20.56 -16.61
C THR A 93 5.30 19.73 -15.59
N THR A 94 6.60 20.00 -15.52
CA THR A 94 7.47 19.40 -14.53
C THR A 94 7.36 20.19 -13.21
N PRO A 95 7.18 19.49 -12.08
CA PRO A 95 7.10 18.04 -11.86
C PRO A 95 5.78 17.45 -12.33
N PRO A 96 5.83 16.26 -12.94
CA PRO A 96 4.59 15.49 -13.08
C PRO A 96 3.99 15.29 -11.69
N THR A 97 2.67 15.40 -11.57
CA THR A 97 2.03 15.23 -10.27
C THR A 97 0.83 14.30 -10.35
N PHE A 98 0.56 13.66 -9.21
CA PHE A 98 -0.49 12.64 -9.06
C PHE A 98 -1.61 13.11 -8.15
N GLY A 99 -2.84 12.65 -8.42
CA GLY A 99 -3.93 12.85 -7.50
C GLY A 99 -3.76 11.94 -6.28
N ALA A 100 -4.54 12.21 -5.24
CA ALA A 100 -4.48 11.46 -3.98
C ALA A 100 -5.14 10.07 -4.05
N GLY A 101 -5.87 9.81 -5.14
CA GLY A 101 -6.42 8.49 -5.37
C GLY A 101 -7.89 8.38 -4.98
N THR A 102 -8.57 7.45 -5.63
CA THR A 102 -9.93 7.08 -5.29
C THR A 102 -9.97 5.58 -5.06
N LYS A 103 -10.44 5.17 -3.89
CA LYS A 103 -10.58 3.75 -3.59
C LYS A 103 -11.94 3.29 -4.06
N VAL A 104 -11.98 2.22 -4.85
CA VAL A 104 -13.23 1.68 -5.37
C VAL A 104 -13.47 0.30 -4.77
N GLU A 105 -14.58 0.15 -4.05
CA GLU A 105 -14.94 -1.11 -3.40
C GLU A 105 -16.19 -1.72 -4.03
N ILE A 106 -16.33 -3.04 -3.86
CA ILE A 106 -17.49 -3.77 -4.36
C ILE A 106 -18.55 -3.94 -3.28
N LYS A 107 -19.79 -3.58 -3.61
CA LYS A 107 -20.92 -3.90 -2.76
C LYS A 107 -21.37 -5.32 -3.00
N ARG A 108 -21.77 -6.02 -1.95
CA ARG A 108 -22.33 -7.36 -2.08
C ARG A 108 -23.27 -7.63 -0.91
N THR A 109 -23.88 -8.81 -0.90
CA THR A 109 -24.79 -9.20 0.17
C THR A 109 -24.07 -9.36 1.51
N VAL A 110 -24.82 -9.14 2.59
CA VAL A 110 -24.30 -9.31 3.94
C VAL A 110 -23.95 -10.78 4.17
N ALA A 111 -22.80 -11.01 4.81
CA ALA A 111 -22.37 -12.35 5.23
C ALA A 111 -21.75 -12.32 6.62
N ALA A 112 -22.24 -13.16 7.52
CA ALA A 112 -21.72 -13.20 8.89
C ALA A 112 -20.34 -13.85 8.91
N PRO A 113 -19.45 -13.42 9.82
CA PRO A 113 -18.15 -14.10 9.85
C PRO A 113 -18.18 -15.46 10.51
N SER A 114 -17.24 -16.32 10.11
CA SER A 114 -16.89 -17.49 10.89
CA SER A 114 -16.93 -17.48 10.92
C SER A 114 -15.93 -17.01 11.97
N VAL A 115 -16.20 -17.33 13.24
CA VAL A 115 -15.37 -16.78 14.31
C VAL A 115 -14.57 -17.87 15.00
N PHE A 116 -13.25 -17.70 15.04
CA PHE A 116 -12.36 -18.70 15.62
C PHE A 116 -11.38 -18.07 16.62
N ILE A 117 -10.89 -18.87 17.56
CA ILE A 117 -9.93 -18.37 18.52
C ILE A 117 -8.76 -19.32 18.71
N PHE A 118 -7.57 -18.74 18.89
CA PHE A 118 -6.32 -19.49 19.02
C PHE A 118 -5.59 -19.08 20.29
N PRO A 119 -5.39 -20.03 21.22
CA PRO A 119 -4.54 -19.75 22.39
C PRO A 119 -3.11 -19.44 21.98
N PRO A 120 -2.32 -18.86 22.88
CA PRO A 120 -0.88 -18.74 22.63
C PRO A 120 -0.28 -20.13 22.38
N SER A 121 0.68 -20.24 21.48
CA SER A 121 1.38 -21.52 21.29
C SER A 121 2.27 -21.82 22.49
N ASP A 122 2.44 -23.11 22.78
CA ASP A 122 3.37 -23.51 23.83
C ASP A 122 4.76 -22.95 23.53
N GLU A 123 5.15 -23.00 22.24
CA GLU A 123 6.42 -22.44 21.81
CA GLU A 123 6.43 -22.44 21.83
C GLU A 123 6.58 -20.98 22.24
N GLN A 124 5.55 -20.15 22.00
CA GLN A 124 5.64 -18.75 22.38
C GLN A 124 5.70 -18.61 23.90
N LEU A 125 4.92 -19.41 24.60
CA LEU A 125 4.91 -19.38 26.06
C LEU A 125 6.28 -19.69 26.67
N LYS A 126 7.18 -20.35 25.93
CA LYS A 126 8.54 -20.56 26.42
C LYS A 126 9.26 -19.23 26.66
N SER A 127 8.98 -18.25 25.81
CA SER A 127 9.41 -16.87 26.04
C SER A 127 8.45 -16.21 27.04
N GLY A 128 8.56 -14.90 27.23
CA GLY A 128 7.78 -14.26 28.27
C GLY A 128 6.48 -13.60 27.83
N THR A 129 6.00 -13.93 26.62
CA THR A 129 4.82 -13.25 26.08
C THR A 129 3.77 -14.24 25.53
N ALA A 130 2.50 -13.83 25.62
CA ALA A 130 1.39 -14.61 25.09
C ALA A 130 0.57 -13.78 24.10
N SER A 131 0.37 -14.30 22.90
CA SER A 131 -0.53 -13.68 21.94
C SER A 131 -1.75 -14.55 21.77
N VAL A 132 -2.93 -13.97 21.95
CA VAL A 132 -4.18 -14.68 21.74
C VAL A 132 -4.83 -14.12 20.49
N VAL A 133 -5.20 -14.98 19.54
CA VAL A 133 -5.69 -14.47 18.25
C VAL A 133 -7.16 -14.81 18.05
N CYS A 134 -7.95 -13.80 17.76
CA CYS A 134 -9.33 -13.98 17.36
C CYS A 134 -9.47 -13.76 15.85
N LEU A 135 -10.07 -14.71 15.15
CA LEU A 135 -10.17 -14.64 13.70
C LEU A 135 -11.63 -14.56 13.23
N LEU A 136 -11.94 -13.55 12.43
CA LEU A 136 -13.24 -13.40 11.77
C LEU A 136 -13.04 -13.64 10.29
N ASN A 137 -13.59 -14.74 9.75
CA ASN A 137 -13.32 -15.07 8.36
C ASN A 137 -14.50 -14.81 7.43
N ASN A 138 -14.18 -14.16 6.31
CA ASN A 138 -15.06 -14.07 5.13
C ASN A 138 -16.44 -13.46 5.42
N PHE A 139 -16.42 -12.20 5.87
CA PHE A 139 -17.65 -11.49 6.19
C PHE A 139 -17.80 -10.20 5.37
N TYR A 140 -19.01 -9.65 5.40
CA TYR A 140 -19.35 -8.42 4.71
C TYR A 140 -20.62 -7.84 5.34
N PRO A 141 -20.67 -6.51 5.58
CA PRO A 141 -19.66 -5.49 5.29
C PRO A 141 -18.48 -5.47 6.25
N ARG A 142 -17.56 -4.53 6.05
CA ARG A 142 -16.31 -4.52 6.81
C ARG A 142 -16.51 -4.23 8.30
N GLU A 143 -17.54 -3.44 8.63
CA GLU A 143 -17.78 -3.01 10.01
CA GLU A 143 -17.72 -3.02 10.03
C GLU A 143 -17.99 -4.19 10.97
N ALA A 144 -17.22 -4.24 12.05
CA ALA A 144 -17.32 -5.33 13.01
C ALA A 144 -16.73 -4.86 14.34
N LYS A 145 -17.36 -5.25 15.44
CA LYS A 145 -16.81 -4.90 16.75
C LYS A 145 -16.29 -6.18 17.39
N VAL A 146 -15.03 -6.15 17.81
CA VAL A 146 -14.40 -7.29 18.46
C VAL A 146 -13.94 -6.85 19.84
N GLN A 147 -14.49 -7.47 20.87
CA GLN A 147 -14.10 -7.11 22.22
C GLN A 147 -13.50 -8.31 22.92
N TRP A 148 -12.43 -8.06 23.67
CA TRP A 148 -11.78 -9.11 24.44
C TRP A 148 -12.23 -9.09 25.90
N LYS A 149 -12.43 -10.27 26.46
CA LYS A 149 -12.68 -10.40 27.89
C LYS A 149 -11.75 -11.45 28.47
N VAL A 150 -11.18 -11.16 29.62
CA VAL A 150 -10.30 -12.09 30.32
C VAL A 150 -10.88 -12.29 31.71
N ASP A 151 -11.24 -13.54 32.03
CA ASP A 151 -12.02 -13.83 33.24
C ASP A 151 -13.17 -12.84 33.37
N ASN A 152 -13.83 -12.61 32.24
CA ASN A 152 -15.03 -11.77 32.10
C ASN A 152 -14.79 -10.25 32.28
N ALA A 153 -13.53 -9.84 32.42
CA ALA A 153 -13.22 -8.42 32.47
C ALA A 153 -12.91 -7.87 31.07
N LEU A 154 -13.62 -6.83 30.68
CA LEU A 154 -13.40 -6.19 29.39
C LEU A 154 -11.98 -5.65 29.28
N GLN A 155 -11.30 -6.01 28.20
CA GLN A 155 -9.93 -5.58 27.95
C GLN A 155 -9.90 -4.33 27.11
N SER A 156 -8.90 -3.49 27.34
CA SER A 156 -8.76 -2.25 26.59
C SER A 156 -7.29 -1.86 26.47
N GLY A 157 -6.87 -1.50 25.26
CA GLY A 157 -5.54 -0.98 25.03
C GLY A 157 -4.47 -2.03 24.81
N ASN A 158 -4.84 -3.31 24.88
CA ASN A 158 -3.88 -4.38 24.74
C ASN A 158 -4.19 -5.33 23.58
N SER A 159 -4.93 -4.85 22.59
CA SER A 159 -5.16 -5.65 21.39
C SER A 159 -4.98 -4.80 20.14
N GLN A 160 -4.70 -5.45 19.03
CA GLN A 160 -4.61 -4.75 17.74
C GLN A 160 -5.33 -5.57 16.68
N GLU A 161 -6.01 -4.85 15.77
CA GLU A 161 -6.74 -5.48 14.67
C GLU A 161 -6.03 -5.26 13.35
N SER A 162 -6.18 -6.21 12.44
CA SER A 162 -5.74 -6.08 11.08
C SER A 162 -6.83 -6.66 10.17
N VAL A 163 -7.14 -5.97 9.07
CA VAL A 163 -8.21 -6.41 8.16
C VAL A 163 -7.67 -6.54 6.75
N THR A 164 -7.98 -7.66 6.09
CA THR A 164 -7.57 -7.84 4.71
C THR A 164 -8.34 -6.88 3.79
N GLU A 165 -7.81 -6.63 2.60
CA GLU A 165 -8.56 -5.96 1.55
C GLU A 165 -9.59 -6.96 0.99
N GLN A 166 -10.54 -6.50 0.18
CA GLN A 166 -11.61 -7.38 -0.30
C GLN A 166 -11.09 -8.59 -1.07
N ASP A 167 -11.65 -9.75 -0.78
CA ASP A 167 -11.23 -10.98 -1.43
C ASP A 167 -11.50 -10.94 -2.93
N SER A 168 -10.59 -11.49 -3.71
CA SER A 168 -10.75 -11.49 -5.17
C SER A 168 -11.89 -12.39 -5.61
N LYS A 169 -12.17 -13.45 -4.85
CA LYS A 169 -13.17 -14.43 -5.25
C LYS A 169 -14.58 -14.07 -4.80
N ASP A 170 -14.73 -13.61 -3.56
CA ASP A 170 -16.09 -13.39 -3.03
C ASP A 170 -16.32 -12.00 -2.45
N SER A 171 -15.35 -11.10 -2.62
CA SER A 171 -15.46 -9.71 -2.17
C SER A 171 -15.72 -9.55 -0.67
N THR A 172 -15.32 -10.53 0.12
CA THR A 172 -15.48 -10.42 1.56
C THR A 172 -14.21 -9.92 2.22
N TYR A 173 -14.32 -9.69 3.52
CA TYR A 173 -13.19 -9.30 4.37
C TYR A 173 -12.89 -10.39 5.38
N SER A 174 -11.66 -10.37 5.89
CA SER A 174 -11.33 -11.15 7.07
C SER A 174 -10.59 -10.24 8.03
N LEU A 175 -10.67 -10.56 9.32
CA LEU A 175 -10.04 -9.73 10.33
C LEU A 175 -9.41 -10.58 11.42
N SER A 176 -8.24 -10.14 11.89
CA SER A 176 -7.61 -10.74 13.05
C SER A 176 -7.58 -9.70 14.15
N SER A 177 -7.89 -10.13 15.37
CA SER A 177 -7.65 -9.31 16.54
C SER A 177 -6.67 -10.05 17.45
N THR A 178 -5.58 -9.40 17.78
CA THR A 178 -4.55 -10.07 18.58
C THR A 178 -4.43 -9.42 19.94
N LEU A 179 -4.67 -10.22 20.98
CA LEU A 179 -4.53 -9.79 22.37
C LEU A 179 -3.14 -10.17 22.88
N THR A 180 -2.40 -9.19 23.40
CA THR A 180 -1.03 -9.44 23.87
C THR A 180 -0.93 -9.23 25.37
N LEU A 181 -0.47 -10.25 26.08
CA LEU A 181 -0.21 -10.17 27.51
C LEU A 181 1.18 -10.72 27.81
N SER A 182 1.71 -10.41 28.99
CA SER A 182 2.87 -11.12 29.49
C SER A 182 2.49 -12.57 29.77
N LYS A 183 3.48 -13.45 29.73
CA LYS A 183 3.30 -14.84 30.17
C LYS A 183 2.70 -14.88 31.57
N ALA A 184 3.24 -14.07 32.47
CA ALA A 184 2.78 -14.03 33.86
C ALA A 184 1.29 -13.73 33.96
N ASP A 185 0.82 -12.74 33.21
CA ASP A 185 -0.59 -12.37 33.22
C ASP A 185 -1.44 -13.49 32.64
N TYR A 186 -0.99 -14.07 31.53
CA TYR A 186 -1.74 -15.14 30.88
C TYR A 186 -1.95 -16.33 31.82
N GLU A 187 -0.91 -16.65 32.61
CA GLU A 187 -0.95 -17.81 33.49
C GLU A 187 -1.75 -17.54 34.75
N LYS A 188 -2.10 -16.28 34.97
CA LYS A 188 -2.84 -15.86 36.16
C LYS A 188 -4.36 -15.90 35.94
N HIS A 189 -4.79 -15.97 34.69
CA HIS A 189 -6.21 -15.97 34.38
C HIS A 189 -6.65 -17.23 33.63
N LYS A 190 -7.96 -17.47 33.62
CA LYS A 190 -8.45 -18.75 33.10
C LYS A 190 -9.21 -18.62 31.78
N VAL A 191 -10.18 -17.71 31.73
CA VAL A 191 -11.08 -17.64 30.60
C VAL A 191 -10.75 -16.51 29.63
N TYR A 192 -10.51 -16.87 28.36
CA TYR A 192 -10.16 -15.91 27.32
C TYR A 192 -11.25 -15.93 26.27
N ALA A 193 -11.84 -14.77 26.03
CA ALA A 193 -13.04 -14.72 25.21
C ALA A 193 -13.01 -13.52 24.28
N CYS A 194 -13.36 -13.79 23.03
CA CYS A 194 -13.50 -12.80 21.98
CA CYS A 194 -13.53 -12.73 22.05
C CYS A 194 -15.00 -12.66 21.67
N GLU A 195 -15.55 -11.46 21.76
CA GLU A 195 -16.96 -11.30 21.41
C GLU A 195 -17.09 -10.44 20.16
N VAL A 196 -17.86 -10.97 19.20
CA VAL A 196 -17.95 -10.36 17.88
C VAL A 196 -19.35 -9.84 17.61
N THR A 197 -19.44 -8.57 17.23
CA THR A 197 -20.71 -7.98 16.80
C THR A 197 -20.63 -7.64 15.32
N HIS A 198 -21.59 -8.12 14.55
CA HIS A 198 -21.60 -7.89 13.11
C HIS A 198 -23.04 -7.94 12.57
N GLN A 199 -23.30 -7.13 11.55
CA GLN A 199 -24.63 -6.98 10.98
C GLN A 199 -25.26 -8.31 10.56
N GLY A 200 -24.43 -9.26 10.12
CA GLY A 200 -24.93 -10.54 9.66
C GLY A 200 -25.33 -11.53 10.75
N LEU A 201 -24.95 -11.24 11.99
CA LEU A 201 -25.32 -12.08 13.14
C LEU A 201 -26.57 -11.57 13.86
N SER A 202 -27.46 -12.48 14.26
CA SER A 202 -28.70 -12.05 14.91
C SER A 202 -28.43 -11.51 16.31
N SER A 203 -27.31 -11.92 16.90
CA SER A 203 -26.83 -11.33 18.15
C SER A 203 -25.32 -11.60 18.26
N PRO A 204 -24.63 -10.93 19.19
CA PRO A 204 -23.17 -11.11 19.24
C PRO A 204 -22.73 -12.55 19.53
N VAL A 205 -21.60 -12.92 18.94
CA VAL A 205 -21.05 -14.25 19.10
C VAL A 205 -19.79 -14.20 19.94
N THR A 206 -19.74 -15.03 20.98
CA THR A 206 -18.57 -15.13 21.82
C THR A 206 -17.86 -16.45 21.58
N LYS A 207 -16.56 -16.38 21.30
CA LYS A 207 -15.73 -17.56 21.16
C LYS A 207 -14.69 -17.53 22.27
N SER A 208 -14.56 -18.63 23.00
CA SER A 208 -13.69 -18.62 24.17
C SER A 208 -13.01 -19.95 24.44
N PHE A 209 -12.00 -19.92 25.30
CA PHE A 209 -11.34 -21.12 25.80
C PHE A 209 -10.87 -20.89 27.22
N ASN A 210 -10.71 -21.98 27.97
CA ASN A 210 -10.03 -21.95 29.25
C ASN A 210 -8.58 -22.30 29.04
N ARG A 211 -7.68 -21.48 29.58
CA ARG A 211 -6.27 -21.81 29.55
C ARG A 211 -6.04 -23.20 30.14
N GLY A 212 -5.36 -24.07 29.38
CA GLY A 212 -5.02 -25.40 29.86
C GLY A 212 -5.84 -26.51 29.21
N GLU A 213 -7.00 -26.16 28.67
CA GLU A 213 -7.86 -27.16 28.04
C GLU A 213 -7.32 -27.48 26.66
N CYS A 214 -7.50 -28.72 26.21
CA CYS A 214 -6.95 -29.11 24.92
C CYS A 214 -7.68 -28.43 23.76
N GLU B 1 8.94 -9.21 -23.87
CA GLU B 1 8.21 -8.57 -22.78
C GLU B 1 9.05 -7.46 -22.15
N VAL B 2 8.44 -6.28 -21.99
CA VAL B 2 9.10 -5.19 -21.29
C VAL B 2 9.10 -5.45 -19.79
N GLN B 3 10.25 -5.29 -19.15
CA GLN B 3 10.30 -5.39 -17.69
C GLN B 3 11.27 -4.38 -17.08
N LEU B 4 10.90 -3.87 -15.90
CA LEU B 4 11.77 -3.05 -15.08
C LEU B 4 11.87 -3.68 -13.70
N VAL B 5 13.09 -3.86 -13.21
CA VAL B 5 13.29 -4.46 -11.89
C VAL B 5 14.16 -3.57 -10.99
N GLU B 6 13.56 -3.04 -9.91
CA GLU B 6 14.30 -2.21 -8.96
C GLU B 6 15.02 -3.10 -7.96
N SER B 7 16.18 -2.67 -7.50
CA SER B 7 16.86 -3.37 -6.41
C SER B 7 17.63 -2.34 -5.60
N GLY B 8 18.05 -2.74 -4.40
CA GLY B 8 18.88 -1.88 -3.58
C GLY B 8 18.19 -1.29 -2.36
N GLY B 9 16.86 -1.37 -2.32
CA GLY B 9 16.13 -0.77 -1.21
C GLY B 9 16.42 -1.51 0.09
N GLY B 10 16.38 -0.79 1.20
CA GLY B 10 16.65 -1.40 2.50
C GLY B 10 16.60 -0.37 3.61
N LEU B 11 16.92 -0.82 4.82
CA LEU B 11 17.00 0.06 5.99
C LEU B 11 18.25 0.93 5.91
N VAL B 12 18.10 2.21 6.22
CA VAL B 12 19.26 3.11 6.23
C VAL B 12 19.03 4.13 7.34
N GLN B 13 20.10 4.56 8.01
CA GLN B 13 19.96 5.53 9.08
C GLN B 13 19.70 6.91 8.51
N PRO B 14 18.98 7.76 9.25
CA PRO B 14 18.87 9.18 8.86
C PRO B 14 20.27 9.75 8.62
N GLY B 15 20.45 10.50 7.54
CA GLY B 15 21.75 11.06 7.21
C GLY B 15 22.57 10.12 6.33
N GLY B 16 22.10 8.89 6.19
CA GLY B 16 22.84 7.87 5.46
C GLY B 16 22.66 7.89 3.95
N SER B 17 23.31 6.94 3.27
CA SER B 17 23.30 6.85 1.82
C SER B 17 22.87 5.45 1.36
N LEU B 18 22.20 5.39 0.23
CA LEU B 18 21.76 4.15 -0.40
C LEU B 18 21.84 4.34 -1.92
N ARG B 19 22.06 3.27 -2.68
CA ARG B 19 21.99 3.37 -4.14
C ARG B 19 21.01 2.35 -4.70
N LEU B 20 20.01 2.83 -5.43
CA LEU B 20 19.06 1.94 -6.09
C LEU B 20 19.45 1.68 -7.54
N SER B 21 19.11 0.49 -8.04
CA SER B 21 19.29 0.16 -9.44
CA SER B 21 19.28 0.17 -9.45
C SER B 21 17.94 -0.17 -10.08
N CYS B 22 17.84 0.06 -11.38
CA CYS B 22 16.65 -0.25 -12.13
C CYS B 22 17.08 -0.94 -13.41
N ALA B 23 16.97 -2.26 -13.46
CA ALA B 23 17.43 -3.03 -14.61
C ALA B 23 16.29 -3.23 -15.59
N ALA B 24 16.49 -2.75 -16.81
CA ALA B 24 15.46 -2.83 -17.82
C ALA B 24 15.76 -4.00 -18.74
N SER B 25 14.71 -4.62 -19.25
CA SER B 25 14.86 -5.65 -20.28
C SER B 25 13.65 -5.58 -21.21
N GLY B 26 13.81 -6.07 -22.43
CA GLY B 26 12.74 -6.09 -23.42
C GLY B 26 12.58 -4.81 -24.21
N PHE B 27 13.43 -3.83 -23.94
CA PHE B 27 13.46 -2.56 -24.64
C PHE B 27 14.79 -1.88 -24.30
N ASN B 28 15.14 -0.82 -25.01
CA ASN B 28 16.38 -0.13 -24.73
CA ASN B 28 16.39 -0.10 -24.78
C ASN B 28 16.09 1.23 -24.10
N ILE B 29 16.72 1.49 -22.97
CA ILE B 29 16.45 2.72 -22.24
C ILE B 29 16.90 3.96 -23.02
N LYS B 30 17.74 3.75 -24.05
CA LYS B 30 18.11 4.85 -24.94
C LYS B 30 16.93 5.41 -25.71
N ASP B 31 15.84 4.64 -25.77
CA ASP B 31 14.69 5.02 -26.58
C ASP B 31 13.60 5.73 -25.78
N THR B 32 13.78 5.82 -24.46
CA THR B 32 12.72 6.37 -23.60
C THR B 32 13.26 7.30 -22.52
N TYR B 33 12.33 7.92 -21.81
CA TYR B 33 12.66 8.54 -20.52
C TYR B 33 12.57 7.45 -19.47
N ILE B 34 13.42 7.52 -18.46
CA ILE B 34 13.32 6.68 -17.29
C ILE B 34 13.07 7.56 -16.09
N HIS B 35 12.06 7.22 -15.30
CA HIS B 35 11.66 8.01 -14.12
C HIS B 35 11.83 7.20 -12.84
N TRP B 36 12.07 7.89 -11.72
CA TRP B 36 11.88 7.30 -10.41
C TRP B 36 10.67 7.98 -9.78
N VAL B 37 9.75 7.17 -9.26
CA VAL B 37 8.56 7.66 -8.59
C VAL B 37 8.46 6.94 -7.26
N ARG B 38 8.15 7.63 -6.17
CA ARG B 38 8.02 6.94 -4.89
C ARG B 38 6.60 7.03 -4.36
N GLN B 39 6.28 6.15 -3.42
CA GLN B 39 4.94 6.08 -2.86
C GLN B 39 5.04 5.86 -1.36
N SER B 40 4.37 6.72 -0.60
CA SER B 40 4.45 6.70 0.86
C SER B 40 3.10 7.02 1.49
N PRO B 41 2.90 6.60 2.75
CA PRO B 41 1.71 7.02 3.49
C PRO B 41 1.58 8.53 3.55
N GLY B 42 2.71 9.21 3.75
CA GLY B 42 2.68 10.64 3.96
C GLY B 42 2.34 11.47 2.74
N LYS B 43 2.88 11.12 1.58
CA LYS B 43 2.68 11.94 0.38
C LYS B 43 2.06 11.18 -0.79
N GLY B 44 1.75 9.90 -0.63
CA GLY B 44 1.17 9.16 -1.73
C GLY B 44 2.17 9.02 -2.88
N LEU B 45 1.69 9.08 -4.12
CA LEU B 45 2.56 8.98 -5.29
C LEU B 45 3.25 10.30 -5.56
N GLU B 46 4.58 10.27 -5.59
CA GLU B 46 5.40 11.46 -5.67
C GLU B 46 6.55 11.25 -6.67
N TRP B 47 6.58 12.01 -7.74
CA TRP B 47 7.66 11.91 -8.73
C TRP B 47 8.97 12.37 -8.10
N VAL B 48 10.06 11.66 -8.40
CA VAL B 48 11.36 11.93 -7.78
C VAL B 48 12.35 12.52 -8.78
N ALA B 49 12.52 11.86 -9.93
CA ALA B 49 13.54 12.28 -10.90
C ALA B 49 13.32 11.60 -12.25
N ARG B 50 13.91 12.16 -13.30
CA ARG B 50 13.88 11.51 -14.60
C ARG B 50 15.19 11.74 -15.34
N ILE B 51 15.44 10.89 -16.31
CA ILE B 51 16.62 11.02 -17.15
C ILE B 51 16.24 10.61 -18.57
N TYR B 52 16.86 11.25 -19.56
CA TYR B 52 16.77 10.81 -20.94
C TYR B 52 18.15 10.26 -21.33
N PRO B 53 18.34 8.93 -21.24
CA PRO B 53 19.67 8.35 -21.41
C PRO B 53 20.34 8.71 -22.74
N THR B 54 19.56 9.00 -23.77
CA THR B 54 20.14 9.36 -25.06
C THR B 54 21.04 10.58 -24.98
N ASN B 55 20.63 11.59 -24.21
CA ASN B 55 21.43 12.81 -24.14
C ASN B 55 21.82 13.18 -22.72
N GLY B 56 21.43 12.35 -21.76
CA GLY B 56 21.82 12.55 -20.37
C GLY B 56 21.10 13.64 -19.59
N TYR B 57 20.08 14.26 -20.19
CA TYR B 57 19.39 15.34 -19.51
C TYR B 57 18.56 14.81 -18.33
N THR B 58 18.65 15.49 -17.20
CA THR B 58 17.97 15.07 -15.98
C THR B 58 17.10 16.20 -15.37
N ARG B 59 16.09 15.81 -14.60
CA ARG B 59 15.27 16.74 -13.83
C ARG B 59 14.96 16.11 -12.48
N TYR B 60 14.75 16.95 -11.47
CA TYR B 60 14.57 16.46 -10.11
C TYR B 60 13.42 17.17 -9.41
N ALA B 61 12.76 16.46 -8.51
CA ALA B 61 11.81 17.06 -7.57
C ALA B 61 12.59 18.00 -6.63
N ASP B 62 12.01 19.15 -6.32
CA ASP B 62 12.62 20.15 -5.43
C ASP B 62 13.05 19.55 -4.11
N SER B 63 12.27 18.61 -3.60
CA SER B 63 12.53 18.06 -2.27
C SER B 63 13.72 17.10 -2.21
N VAL B 64 14.22 16.67 -3.37
CA VAL B 64 15.37 15.75 -3.39
C VAL B 64 16.60 16.35 -4.08
N LYS B 65 16.44 17.49 -4.74
CA LYS B 65 17.54 18.13 -5.45
CA LYS B 65 17.53 18.13 -5.46
C LYS B 65 18.78 18.27 -4.57
N GLY B 66 19.94 17.88 -5.10
CA GLY B 66 21.17 17.97 -4.35
C GLY B 66 21.45 16.74 -3.50
N ARG B 67 20.40 16.06 -3.04
CA ARG B 67 20.54 14.90 -2.18
C ARG B 67 20.51 13.59 -2.96
N PHE B 68 19.72 13.57 -4.04
CA PHE B 68 19.59 12.41 -4.91
C PHE B 68 20.18 12.72 -6.28
N THR B 69 20.79 11.73 -6.92
CA THR B 69 21.15 11.88 -8.32
C THR B 69 20.66 10.69 -9.12
N ILE B 70 20.14 10.97 -10.31
CA ILE B 70 19.75 9.92 -11.23
C ILE B 70 20.81 9.77 -12.32
N SER B 71 21.02 8.54 -12.77
CA SER B 71 22.00 8.30 -13.85
C SER B 71 21.60 7.04 -14.60
N ALA B 72 22.26 6.78 -15.72
CA ALA B 72 21.98 5.57 -16.48
C ALA B 72 23.21 5.04 -17.18
N ASP B 73 23.30 3.72 -17.27
CA ASP B 73 24.35 3.03 -18.01
C ASP B 73 23.67 2.28 -19.14
N THR B 74 23.73 2.82 -20.35
CA THR B 74 23.01 2.22 -21.45
C THR B 74 23.62 0.86 -21.81
N SER B 75 24.92 0.70 -21.60
CA SER B 75 25.58 -0.56 -21.92
C SER B 75 25.09 -1.71 -21.02
N LYS B 76 24.55 -1.37 -19.86
CA LYS B 76 23.97 -2.36 -18.96
CA LYS B 76 23.97 -2.36 -18.96
C LYS B 76 22.46 -2.25 -18.95
N ASN B 77 21.93 -1.34 -19.76
CA ASN B 77 20.49 -1.06 -19.84
C ASN B 77 19.87 -0.88 -18.45
N THR B 78 20.55 -0.09 -17.64
CA THR B 78 20.23 0.04 -16.21
C THR B 78 20.28 1.51 -15.81
N ALA B 79 19.32 1.93 -14.98
CA ALA B 79 19.33 3.27 -14.41
C ALA B 79 19.53 3.18 -12.90
N TYR B 80 19.93 4.28 -12.28
CA TYR B 80 20.33 4.30 -10.87
C TYR B 80 19.78 5.51 -10.14
N LEU B 81 19.58 5.37 -8.83
CA LEU B 81 19.26 6.52 -7.99
C LEU B 81 20.18 6.49 -6.78
N GLN B 82 21.11 7.44 -6.72
CA GLN B 82 21.94 7.63 -5.55
C GLN B 82 21.18 8.47 -4.54
N MET B 83 21.11 8.01 -3.30
CA MET B 83 20.29 8.69 -2.30
C MET B 83 21.14 9.02 -1.10
N ASN B 84 21.44 10.31 -0.90
CA ASN B 84 22.25 10.77 0.21
C ASN B 84 21.47 11.63 1.17
N SER B 85 22.04 11.88 2.35
CA SER B 85 21.44 12.77 3.35
C SER B 85 19.98 12.38 3.60
N LEU B 86 19.74 11.09 3.76
CA LEU B 86 18.38 10.57 3.81
C LEU B 86 17.63 11.06 5.05
N ARG B 87 16.33 11.24 4.91
CA ARG B 87 15.47 11.68 6.00
C ARG B 87 14.26 10.77 6.15
N ALA B 88 13.58 10.89 7.29
CA ALA B 88 12.42 10.04 7.58
C ALA B 88 11.41 10.12 6.46
N GLU B 89 11.24 11.33 5.91
CA GLU B 89 10.27 11.61 4.86
C GLU B 89 10.60 10.91 3.54
N ASP B 90 11.82 10.38 3.40
CA ASP B 90 12.22 9.65 2.20
C ASP B 90 11.82 8.17 2.24
N THR B 91 11.28 7.73 3.38
CA THR B 91 10.83 6.36 3.56
C THR B 91 9.67 6.12 2.61
N ALA B 92 9.83 5.17 1.70
CA ALA B 92 8.85 4.98 0.62
C ALA B 92 9.17 3.76 -0.23
N ILE B 93 8.17 3.29 -0.99
CA ILE B 93 8.45 2.38 -2.09
C ILE B 93 8.98 3.19 -3.26
N TYR B 94 10.14 2.82 -3.81
CA TYR B 94 10.68 3.51 -4.98
C TYR B 94 10.46 2.65 -6.21
N TYR B 95 9.73 3.19 -7.20
CA TYR B 95 9.55 2.52 -8.48
C TYR B 95 10.37 3.19 -9.56
N CYS B 96 10.88 2.42 -10.52
CA CYS B 96 11.26 3.06 -11.76
C CYS B 96 10.20 2.73 -12.82
N SER B 97 10.08 3.63 -13.79
CA SER B 97 9.09 3.51 -14.83
C SER B 97 9.66 4.09 -16.09
N ARG B 98 9.10 3.74 -17.24
CA ARG B 98 9.53 4.36 -18.49
C ARG B 98 8.42 5.24 -19.03
N TRP B 99 8.79 6.24 -19.82
CA TRP B 99 7.84 7.19 -20.40
C TRP B 99 8.25 7.46 -21.84
N GLY B 100 7.27 7.46 -22.74
CA GLY B 100 7.54 7.70 -24.13
C GLY B 100 7.92 6.43 -24.87
N GLY B 101 7.74 5.29 -24.20
CA GLY B 101 8.03 4.01 -24.82
C GLY B 101 6.99 3.68 -25.86
N ASP B 102 7.45 3.28 -27.05
CA ASP B 102 6.55 2.92 -28.14
C ASP B 102 5.63 4.08 -28.53
N GLY B 103 6.03 5.31 -28.18
CA GLY B 103 5.28 6.50 -28.52
C GLY B 103 4.14 6.81 -27.56
N PHE B 104 4.06 6.03 -26.48
CA PHE B 104 3.04 6.25 -25.46
C PHE B 104 3.50 7.27 -24.43
N TYR B 105 2.80 8.40 -24.38
CA TYR B 105 3.17 9.50 -23.49
C TYR B 105 2.52 9.36 -22.13
N ALA B 106 2.92 8.28 -21.44
CA ALA B 106 2.52 8.02 -20.08
C ALA B 106 3.51 6.98 -19.53
N MET B 107 3.49 6.75 -18.22
CA MET B 107 4.34 5.71 -17.63
C MET B 107 3.70 4.34 -17.80
N ASP B 108 4.06 3.61 -18.87
CA ASP B 108 3.27 2.43 -19.25
C ASP B 108 3.80 1.10 -18.69
N TYR B 109 5.02 1.13 -18.14
CA TYR B 109 5.54 0.00 -17.37
C TYR B 109 6.22 0.55 -16.12
N TRP B 110 5.90 -0.07 -14.98
CA TRP B 110 6.49 0.23 -13.68
C TRP B 110 7.08 -1.07 -13.11
N GLY B 111 8.19 -1.00 -12.40
CA GLY B 111 8.71 -2.17 -11.73
C GLY B 111 7.89 -2.52 -10.50
N GLN B 112 8.30 -3.57 -9.81
CA GLN B 112 7.59 -4.03 -8.63
CA GLN B 112 7.56 -4.01 -8.63
C GLN B 112 7.80 -3.03 -7.49
N GLY B 113 8.90 -2.29 -7.56
CA GLY B 113 9.19 -1.29 -6.53
C GLY B 113 10.10 -1.86 -5.44
N THR B 114 10.85 -0.99 -4.78
CA THR B 114 11.73 -1.45 -3.71
C THR B 114 11.56 -0.51 -2.50
N LEU B 115 11.39 -1.08 -1.32
CA LEU B 115 11.14 -0.30 -0.11
C LEU B 115 12.41 0.26 0.52
N VAL B 116 12.43 1.57 0.74
CA VAL B 116 13.50 2.21 1.49
C VAL B 116 12.95 2.68 2.84
N THR B 117 13.61 2.26 3.91
CA THR B 117 13.20 2.59 5.25
C THR B 117 14.27 3.40 5.94
N VAL B 118 13.96 4.66 6.24
CA VAL B 118 14.95 5.52 6.89
C VAL B 118 14.61 5.58 8.38
N SER B 119 15.48 4.99 9.20
CA SER B 119 15.22 4.78 10.61
C SER B 119 16.51 4.48 11.35
N SER B 120 16.58 4.86 12.62
CA SER B 120 17.76 4.52 13.42
CA SER B 120 17.75 4.52 13.44
C SER B 120 17.54 3.20 14.17
N ALA B 121 16.37 2.58 13.99
CA ALA B 121 16.11 1.32 14.68
C ALA B 121 16.90 0.18 14.05
N SER B 122 17.14 -0.87 14.83
CA SER B 122 17.96 -2.00 14.39
C SER B 122 17.15 -3.09 13.69
N THR B 123 17.81 -3.82 12.80
CA THR B 123 17.20 -4.98 12.15
C THR B 123 16.91 -6.06 13.18
N LYS B 124 15.73 -6.69 13.07
CA LYS B 124 15.39 -7.79 13.96
C LYS B 124 14.56 -8.82 13.20
N GLY B 125 14.94 -10.08 13.31
CA GLY B 125 14.22 -11.14 12.63
C GLY B 125 13.02 -11.58 13.46
N PRO B 126 11.96 -12.04 12.78
CA PRO B 126 10.73 -12.46 13.45
C PRO B 126 10.85 -13.80 14.18
N SER B 127 10.00 -14.01 15.18
CA SER B 127 9.73 -15.34 15.71
C SER B 127 8.50 -15.84 14.98
N VAL B 128 8.47 -17.13 14.64
CA VAL B 128 7.32 -17.66 13.91
C VAL B 128 6.64 -18.70 14.78
N PHE B 129 5.39 -18.44 15.15
CA PHE B 129 4.66 -19.37 16.03
C PHE B 129 3.47 -19.97 15.31
N PRO B 130 3.16 -21.23 15.61
CA PRO B 130 2.01 -21.84 14.94
C PRO B 130 0.69 -21.32 15.52
N LEU B 131 -0.30 -21.23 14.66
CA LEU B 131 -1.68 -21.10 15.07
C LEU B 131 -2.31 -22.46 14.79
N ALA B 132 -2.23 -23.35 15.77
CA ALA B 132 -2.65 -24.74 15.58
C ALA B 132 -4.15 -24.88 15.37
N PRO B 133 -4.56 -25.71 14.41
CA PRO B 133 -6.00 -25.95 14.30
C PRO B 133 -6.48 -26.70 15.54
N SER B 134 -7.73 -26.52 15.92
CA SER B 134 -8.27 -27.10 17.14
C SER B 134 -9.79 -27.14 17.06
N SER B 135 -10.43 -27.63 18.12
CA SER B 135 -11.89 -27.66 18.20
C SER B 135 -12.46 -26.25 18.22
N LYS B 136 -11.60 -25.27 18.45
CA LYS B 136 -12.00 -23.87 18.53
CA LYS B 136 -12.02 -23.87 18.52
C LYS B 136 -11.72 -23.11 17.22
N SER B 137 -11.20 -23.82 16.21
CA SER B 137 -10.95 -23.17 14.93
C SER B 137 -11.61 -23.90 13.76
N THR B 138 -12.65 -24.67 14.07
CA THR B 138 -13.35 -25.41 13.03
C THR B 138 -14.87 -25.21 13.07
N SER B 139 -15.48 -25.22 11.89
CA SER B 139 -16.94 -25.27 11.77
C SER B 139 -17.31 -25.64 10.34
N GLY B 140 -18.47 -26.29 10.19
CA GLY B 140 -18.95 -26.63 8.86
C GLY B 140 -18.11 -27.65 8.09
N GLY B 141 -17.23 -28.36 8.80
CA GLY B 141 -16.36 -29.33 8.16
C GLY B 141 -15.06 -28.72 7.64
N THR B 142 -14.83 -27.45 7.93
CA THR B 142 -13.57 -26.82 7.54
C THR B 142 -12.85 -26.29 8.78
N ALA B 143 -11.53 -26.19 8.69
CA ALA B 143 -10.69 -25.82 9.82
C ALA B 143 -9.71 -24.71 9.46
N ALA B 144 -9.48 -23.80 10.39
CA ALA B 144 -8.50 -22.73 10.20
C ALA B 144 -7.24 -23.02 10.99
N LEU B 145 -6.10 -22.72 10.38
CA LEU B 145 -4.81 -22.77 11.08
C LEU B 145 -3.93 -21.70 10.50
N GLY B 146 -2.76 -21.48 11.09
CA GLY B 146 -1.92 -20.40 10.58
C GLY B 146 -0.57 -20.26 11.25
N CYS B 147 0.08 -19.13 10.96
CA CYS B 147 1.35 -18.79 11.57
C CYS B 147 1.34 -17.34 12.02
N LEU B 148 1.83 -17.11 13.23
CA LEU B 148 2.01 -15.76 13.76
C LEU B 148 3.48 -15.35 13.58
N VAL B 149 3.69 -14.29 12.81
CA VAL B 149 5.03 -13.82 12.48
C VAL B 149 5.28 -12.55 13.26
N LYS B 150 6.00 -12.66 14.38
CA LYS B 150 5.97 -11.60 15.39
C LYS B 150 7.33 -10.96 15.62
N ASP B 151 7.29 -9.63 15.79
CA ASP B 151 8.42 -8.82 16.26
C ASP B 151 9.57 -8.76 15.26
N TYR B 152 9.33 -8.20 14.08
CA TYR B 152 10.42 -8.02 13.11
C TYR B 152 10.56 -6.55 12.70
N PHE B 153 11.73 -6.23 12.16
CA PHE B 153 11.99 -4.90 11.63
C PHE B 153 13.23 -5.00 10.75
N PRO B 154 13.23 -4.29 9.60
CA PRO B 154 12.14 -3.52 9.01
C PRO B 154 11.22 -4.43 8.21
N GLU B 155 10.25 -3.83 7.52
CA GLU B 155 9.54 -4.51 6.44
C GLU B 155 10.55 -4.79 5.32
N PRO B 156 10.29 -5.78 4.45
CA PRO B 156 9.13 -6.65 4.35
C PRO B 156 9.38 -8.09 4.85
N VAL B 157 8.29 -8.81 5.08
CA VAL B 157 8.35 -10.26 5.21
C VAL B 157 7.45 -10.86 4.13
N THR B 158 7.78 -12.06 3.70
CA THR B 158 6.90 -12.78 2.80
C THR B 158 6.43 -14.05 3.50
N VAL B 159 5.19 -14.44 3.23
CA VAL B 159 4.67 -15.69 3.76
C VAL B 159 3.99 -16.47 2.64
N SER B 160 4.32 -17.75 2.53
CA SER B 160 3.61 -18.64 1.62
C SER B 160 3.24 -19.91 2.38
N TRP B 161 2.43 -20.75 1.75
CA TRP B 161 2.02 -22.02 2.34
C TRP B 161 2.39 -23.15 1.41
N ASN B 162 3.01 -24.19 1.95
CA ASN B 162 3.41 -25.36 1.16
C ASN B 162 4.15 -24.96 -0.12
N SER B 163 5.13 -24.08 0.06
CA SER B 163 5.99 -23.59 -1.00
C SER B 163 5.23 -23.00 -2.19
N GLY B 164 4.09 -22.38 -1.88
CA GLY B 164 3.30 -21.68 -2.89
C GLY B 164 2.28 -22.55 -3.57
N ALA B 165 2.25 -23.84 -3.23
CA ALA B 165 1.30 -24.78 -3.80
C ALA B 165 -0.09 -24.58 -3.19
N LEU B 166 -0.13 -24.00 -2.00
CA LEU B 166 -1.41 -23.76 -1.32
C LEU B 166 -1.73 -22.29 -1.31
N THR B 167 -2.78 -21.91 -2.03
CA THR B 167 -3.14 -20.50 -2.14
C THR B 167 -4.61 -20.25 -1.83
N SER B 168 -5.44 -21.25 -2.14
CA SER B 168 -6.87 -21.17 -1.89
C SER B 168 -7.15 -21.11 -0.39
N GLY B 169 -7.96 -20.14 0.02
CA GLY B 169 -8.36 -20.02 1.41
C GLY B 169 -7.33 -19.34 2.31
N VAL B 170 -6.28 -18.82 1.71
CA VAL B 170 -5.24 -18.15 2.49
C VAL B 170 -5.58 -16.68 2.71
N HIS B 171 -5.46 -16.22 3.96
CA HIS B 171 -5.49 -14.78 4.26
C HIS B 171 -4.25 -14.38 5.04
N THR B 172 -3.40 -13.60 4.40
CA THR B 172 -2.24 -13.06 5.07
C THR B 172 -2.56 -11.62 5.44
N PHE B 173 -2.58 -11.33 6.74
CA PHE B 173 -3.10 -10.06 7.23
C PHE B 173 -2.08 -8.96 7.08
N PRO B 174 -2.54 -7.73 6.86
CA PRO B 174 -1.63 -6.58 6.80
C PRO B 174 -0.77 -6.53 8.04
N ALA B 175 0.51 -6.22 7.87
CA ALA B 175 1.44 -6.02 8.97
C ALA B 175 0.93 -4.91 9.87
N VAL B 176 1.08 -5.09 11.18
CA VAL B 176 0.72 -4.09 12.15
C VAL B 176 1.96 -3.66 12.92
N LEU B 177 2.13 -2.35 13.08
CA LEU B 177 3.24 -1.83 13.86
C LEU B 177 2.86 -1.84 15.34
N GLN B 178 3.61 -2.60 16.15
CA GLN B 178 3.32 -2.68 17.57
C GLN B 178 3.96 -1.48 18.30
N SER B 179 3.55 -1.25 19.54
CA SER B 179 4.04 -0.10 20.30
C SER B 179 5.53 -0.19 20.55
N SER B 180 6.04 -1.42 20.50
CA SER B 180 7.47 -1.69 20.65
C SER B 180 8.29 -1.15 19.48
N GLY B 181 7.61 -0.84 18.37
CA GLY B 181 8.29 -0.36 17.18
C GLY B 181 8.60 -1.49 16.23
N LEU B 182 8.18 -2.71 16.60
CA LEU B 182 8.35 -3.89 15.75
C LEU B 182 7.04 -4.29 15.09
N TYR B 183 7.15 -4.89 13.91
CA TYR B 183 5.99 -5.36 13.18
C TYR B 183 5.57 -6.75 13.58
N SER B 184 4.31 -7.05 13.29
CA SER B 184 3.78 -8.38 13.46
C SER B 184 2.66 -8.62 12.47
N LEU B 185 2.49 -9.88 12.05
CA LEU B 185 1.35 -10.26 11.22
C LEU B 185 1.04 -11.74 11.38
N SER B 186 -0.20 -12.11 11.11
CA SER B 186 -0.58 -13.50 11.02
C SER B 186 -0.98 -13.87 9.59
N SER B 187 -0.75 -15.12 9.23
CA SER B 187 -1.29 -15.66 8.00
C SER B 187 -2.09 -16.91 8.34
N VAL B 188 -3.33 -16.98 7.85
CA VAL B 188 -4.18 -18.13 8.16
C VAL B 188 -4.65 -18.78 6.86
N VAL B 189 -5.04 -20.04 6.95
CA VAL B 189 -5.58 -20.72 5.80
C VAL B 189 -6.70 -21.63 6.31
N THR B 190 -7.78 -21.70 5.54
CA THR B 190 -8.88 -22.60 5.86
C THR B 190 -8.81 -23.85 4.97
N VAL B 191 -8.92 -25.02 5.58
CA VAL B 191 -8.76 -26.31 4.89
C VAL B 191 -9.84 -27.31 5.35
N PRO B 192 -10.05 -28.40 4.60
CA PRO B 192 -11.02 -29.40 5.07
C PRO B 192 -10.62 -29.99 6.42
N SER B 193 -11.58 -30.14 7.33
CA SER B 193 -11.29 -30.73 8.63
C SER B 193 -10.65 -32.10 8.46
N SER B 194 -11.13 -32.83 7.45
CA SER B 194 -10.71 -34.21 7.22
C SER B 194 -9.27 -34.30 6.72
N SER B 195 -8.69 -33.18 6.28
CA SER B 195 -7.32 -33.18 5.75
C SER B 195 -6.27 -33.07 6.88
N LEU B 196 -6.71 -32.70 8.08
CA LEU B 196 -5.77 -32.50 9.18
C LEU B 196 -5.18 -33.82 9.64
N GLY B 197 -3.85 -33.92 9.61
CA GLY B 197 -3.19 -35.14 10.03
C GLY B 197 -2.74 -35.96 8.85
N THR B 198 -3.36 -35.76 7.69
CA THR B 198 -2.91 -36.46 6.48
C THR B 198 -2.16 -35.53 5.53
N GLN B 199 -2.62 -34.29 5.42
CA GLN B 199 -1.97 -33.30 4.56
C GLN B 199 -1.04 -32.44 5.41
N THR B 200 0.21 -32.32 5.00
CA THR B 200 1.15 -31.45 5.71
C THR B 200 0.89 -29.98 5.37
N TYR B 201 0.89 -29.12 6.38
CA TYR B 201 0.72 -27.68 6.20
C TYR B 201 1.93 -26.98 6.81
N ILE B 202 2.66 -26.26 5.96
CA ILE B 202 3.88 -25.55 6.37
C ILE B 202 3.78 -24.12 5.88
N CYS B 203 4.04 -23.16 6.77
CA CYS B 203 4.13 -21.77 6.33
C CYS B 203 5.58 -21.40 6.12
N ASN B 204 5.88 -20.87 4.92
CA ASN B 204 7.24 -20.49 4.59
C ASN B 204 7.37 -19.00 4.81
N VAL B 205 8.19 -18.63 5.79
CA VAL B 205 8.37 -17.25 6.18
C VAL B 205 9.77 -16.75 5.81
N ASN B 206 9.87 -15.62 5.12
CA ASN B 206 11.18 -15.06 4.78
CA ASN B 206 11.16 -15.05 4.75
C ASN B 206 11.27 -13.60 5.20
N HIS B 207 12.33 -13.27 5.94
CA HIS B 207 12.62 -11.89 6.31
C HIS B 207 14.04 -11.61 5.83
N LYS B 208 14.15 -11.20 4.58
CA LYS B 208 15.45 -10.99 3.96
C LYS B 208 16.32 -9.96 4.69
N PRO B 209 15.73 -8.86 5.20
CA PRO B 209 16.59 -7.92 5.94
C PRO B 209 17.39 -8.57 7.07
N SER B 210 16.87 -9.64 7.68
CA SER B 210 17.62 -10.30 8.75
C SER B 210 18.15 -11.67 8.33
N ASN B 211 18.03 -11.98 7.04
CA ASN B 211 18.35 -13.32 6.53
C ASN B 211 17.64 -14.43 7.28
N THR B 212 16.44 -14.14 7.76
CA THR B 212 15.62 -15.12 8.44
C THR B 212 14.72 -15.87 7.47
N LYS B 213 14.93 -17.18 7.37
CA LYS B 213 14.06 -18.03 6.57
C LYS B 213 13.56 -19.19 7.44
N VAL B 214 12.26 -19.21 7.71
CA VAL B 214 11.65 -20.23 8.57
C VAL B 214 10.57 -20.99 7.83
N ASP B 215 10.63 -22.32 7.92
CA ASP B 215 9.57 -23.17 7.40
C ASP B 215 8.92 -23.84 8.61
N LYS B 216 7.68 -23.48 8.90
CA LYS B 216 7.02 -23.91 10.13
C LYS B 216 5.88 -24.87 9.83
N LYS B 217 6.06 -26.13 10.23
CA LYS B 217 4.98 -27.12 10.16
C LYS B 217 3.93 -26.82 11.22
N VAL B 218 2.68 -26.72 10.80
CA VAL B 218 1.59 -26.43 11.73
C VAL B 218 0.66 -27.63 11.86
N GLU B 219 0.52 -28.17 13.06
CA GLU B 219 -0.34 -29.33 13.25
C GLU B 219 -1.21 -29.22 14.51
N PRO B 220 -2.25 -30.07 14.62
CA PRO B 220 -3.10 -30.02 15.83
C PRO B 220 -2.29 -30.29 17.09
N LYS B 221 -2.68 -29.69 18.21
CA LYS B 221 -1.94 -29.86 19.46
C LYS B 221 -2.05 -31.30 19.99
N SER B 222 -1.29 -31.61 21.03
CA SER B 222 -1.16 -32.97 21.54
C SER B 222 -2.37 -33.54 22.28
N CYS B 223 -2.62 -32.98 23.48
CA CYS B 223 -3.51 -33.50 24.53
C CYS B 223 -2.78 -34.54 25.39
N SER C 1 -11.25 22.01 10.44
CA SER C 1 -10.84 20.64 10.74
C SER C 1 -11.28 19.69 9.64
N GLU C 2 -10.92 18.42 9.78
CA GLU C 2 -11.16 17.44 8.72
C GLU C 2 -12.43 16.63 8.97
N VAL C 3 -13.36 16.66 8.03
CA VAL C 3 -14.56 15.83 8.16
C VAL C 3 -14.75 14.95 6.94
N THR C 4 -15.58 13.93 7.11
CA THR C 4 -15.94 13.05 6.03
C THR C 4 -17.42 13.20 5.76
N ILE C 5 -17.77 13.54 4.53
CA ILE C 5 -19.18 13.60 4.16
C ILE C 5 -19.54 12.28 3.47
N LYS C 6 -20.51 11.57 4.02
CA LYS C 6 -20.95 10.31 3.45
C LYS C 6 -22.15 10.53 2.55
N VAL C 7 -22.07 10.00 1.35
CA VAL C 7 -23.11 10.25 0.36
C VAL C 7 -23.71 8.96 -0.18
N ASN C 8 -25.03 8.89 -0.13
CA ASN C 8 -25.78 7.88 -0.88
C ASN C 8 -26.14 8.41 -2.25
N LEU C 9 -25.79 7.66 -3.27
CA LEU C 9 -26.14 8.03 -4.64
C LEU C 9 -27.23 7.09 -5.11
N ILE C 10 -28.44 7.64 -5.28
CA ILE C 10 -29.62 6.83 -5.53
C ILE C 10 -30.12 7.09 -6.95
N PHE C 11 -29.98 6.08 -7.81
CA PHE C 11 -30.22 6.27 -9.23
C PHE C 11 -31.66 5.90 -9.54
N ALA C 12 -32.16 6.38 -10.68
CA ALA C 12 -33.56 6.23 -11.02
C ALA C 12 -34.03 4.78 -11.12
N ASP C 13 -33.13 3.85 -11.43
CA ASP C 13 -33.49 2.44 -11.52
C ASP C 13 -33.42 1.73 -10.16
N GLY C 14 -33.19 2.48 -9.09
CA GLY C 14 -33.18 1.91 -7.76
C GLY C 14 -31.80 1.46 -7.30
N LYS C 15 -30.83 1.46 -8.20
CA LYS C 15 -29.47 1.13 -7.83
C LYS C 15 -28.87 2.16 -6.86
N ILE C 16 -28.05 1.69 -5.93
CA ILE C 16 -27.47 2.57 -4.93
C ILE C 16 -25.95 2.42 -4.87
N GLN C 17 -25.24 3.53 -4.93
CA GLN C 17 -23.80 3.54 -4.70
C GLN C 17 -23.55 4.44 -3.51
N THR C 18 -22.40 4.27 -2.86
CA THR C 18 -22.05 5.14 -1.75
C THR C 18 -20.67 5.73 -2.00
N ALA C 19 -20.46 6.93 -1.49
CA ALA C 19 -19.21 7.62 -1.71
C ALA C 19 -18.87 8.46 -0.50
N GLU C 20 -17.59 8.82 -0.38
CA GLU C 20 -17.16 9.72 0.67
C GLU C 20 -16.31 10.85 0.13
N PHE C 21 -16.45 12.01 0.75
CA PHE C 21 -15.66 13.18 0.42
C PHE C 21 -15.01 13.65 1.71
N LYS C 22 -13.74 13.99 1.67
CA LYS C 22 -13.07 14.45 2.88
C LYS C 22 -12.39 15.80 2.64
N GLY C 23 -12.25 16.58 3.70
CA GLY C 23 -11.65 17.90 3.64
C GLY C 23 -12.26 18.73 4.74
N THR C 24 -12.12 20.04 4.69
CA THR C 24 -12.89 20.87 5.61
C THR C 24 -14.36 20.66 5.23
N PHE C 25 -15.28 20.97 6.14
CA PHE C 25 -16.69 20.81 5.82
C PHE C 25 -17.06 21.54 4.53
N GLU C 26 -16.52 22.74 4.36
CA GLU C 26 -16.86 23.58 3.20
C GLU C 26 -16.33 22.98 1.89
N GLU C 27 -15.08 22.51 1.91
CA GLU C 27 -14.49 21.83 0.76
C GLU C 27 -15.24 20.54 0.37
N ALA C 28 -15.44 19.67 1.36
CA ALA C 28 -16.09 18.39 1.11
C ALA C 28 -17.50 18.58 0.57
N THR C 29 -18.21 19.56 1.15
CA THR C 29 -19.53 19.97 0.65
C THR C 29 -19.50 20.32 -0.83
N ALA C 30 -18.62 21.26 -1.18
CA ALA C 30 -18.45 21.71 -2.55
C ALA C 30 -18.14 20.56 -3.49
N GLU C 31 -17.26 19.66 -3.05
CA GLU C 31 -16.89 18.53 -3.89
C GLU C 31 -18.06 17.55 -4.07
N ALA C 32 -18.87 17.38 -3.04
CA ALA C 32 -20.02 16.49 -3.17
C ALA C 32 -21.02 17.06 -4.18
N TYR C 33 -21.34 18.35 -4.07
CA TYR C 33 -22.25 18.99 -5.02
C TYR C 33 -21.70 19.01 -6.44
N ARG C 34 -20.40 19.25 -6.58
CA ARG C 34 -19.76 19.22 -7.90
C ARG C 34 -19.89 17.84 -8.53
N TYR C 35 -19.65 16.80 -7.75
CA TYR C 35 -19.77 15.42 -8.22
C TYR C 35 -21.21 15.08 -8.60
N ALA C 36 -22.16 15.50 -7.77
CA ALA C 36 -23.58 15.35 -8.09
C ALA C 36 -23.92 15.95 -9.45
N ALA C 37 -23.46 17.18 -9.68
CA ALA C 37 -23.78 17.89 -10.92
C ALA C 37 -23.20 17.14 -12.12
N LEU C 38 -22.02 16.56 -11.93
CA LEU C 38 -21.39 15.82 -13.00
C LEU C 38 -22.19 14.56 -13.33
N LEU C 39 -22.57 13.82 -12.29
CA LEU C 39 -23.37 12.62 -12.48
C LEU C 39 -24.73 12.95 -13.11
N ALA C 40 -25.24 14.13 -12.81
CA ALA C 40 -26.55 14.56 -13.30
C ALA C 40 -26.58 14.66 -14.83
N LYS C 41 -25.44 14.92 -15.45
CA LYS C 41 -25.36 15.01 -16.91
C LYS C 41 -25.81 13.73 -17.60
N VAL C 42 -25.54 12.60 -16.96
CA VAL C 42 -25.83 11.30 -17.52
C VAL C 42 -27.05 10.65 -16.87
N ASN C 43 -27.24 10.90 -15.58
CA ASN C 43 -28.27 10.21 -14.81
C ASN C 43 -29.48 11.06 -14.48
N GLY C 44 -29.51 12.28 -15.01
CA GLY C 44 -30.65 13.16 -14.84
C GLY C 44 -30.50 14.09 -13.66
N GLU C 45 -31.37 15.09 -13.61
CA GLU C 45 -31.39 16.10 -12.56
C GLU C 45 -31.30 15.51 -11.16
N TYR C 46 -30.40 16.04 -10.34
CA TYR C 46 -30.24 15.51 -8.99
C TYR C 46 -30.99 16.36 -7.97
N THR C 47 -31.35 15.74 -6.85
CA THR C 47 -31.78 16.49 -5.69
C THR C 47 -31.00 15.95 -4.50
N ALA C 48 -30.57 16.85 -3.64
CA ALA C 48 -29.72 16.48 -2.54
C ALA C 48 -30.39 16.79 -1.20
N ASP C 49 -30.53 15.76 -0.38
CA ASP C 49 -31.12 15.91 0.95
C ASP C 49 -30.05 15.79 2.01
N LEU C 50 -29.81 16.89 2.71
CA LEU C 50 -28.81 16.94 3.75
C LEU C 50 -29.41 16.48 5.07
N GLU C 51 -28.71 15.59 5.76
CA GLU C 51 -29.04 15.26 7.13
C GLU C 51 -27.73 15.21 7.92
N ASP C 52 -27.84 15.09 9.24
CA ASP C 52 -26.68 15.16 10.12
C ASP C 52 -25.92 16.48 9.91
N GLY C 53 -26.63 17.59 10.05
CA GLY C 53 -26.05 18.93 9.98
C GLY C 53 -25.22 19.23 8.75
N GLY C 54 -25.47 18.48 7.68
CA GLY C 54 -24.69 18.61 6.46
C GLY C 54 -23.71 17.48 6.15
N ASN C 55 -23.46 16.62 7.12
CA ASN C 55 -22.39 15.62 7.01
C ASN C 55 -22.77 14.31 6.32
N HIS C 56 -24.07 14.13 6.10
CA HIS C 56 -24.54 13.03 5.28
C HIS C 56 -25.49 13.56 4.22
N MET C 57 -25.38 13.03 3.01
CA MET C 57 -26.26 13.44 1.92
C MET C 57 -26.91 12.26 1.24
N ASN C 58 -28.18 12.42 0.91
CA ASN C 58 -28.81 11.54 -0.04
C ASN C 58 -28.99 12.29 -1.34
N ILE C 59 -28.40 11.77 -2.40
CA ILE C 59 -28.47 12.41 -3.71
C ILE C 59 -29.20 11.46 -4.65
N LYS C 60 -30.40 11.86 -5.06
CA LYS C 60 -31.24 11.09 -5.95
C LYS C 60 -31.20 11.71 -7.35
N PHE C 61 -31.12 10.87 -8.37
CA PHE C 61 -31.08 11.31 -9.77
C PHE C 61 -32.37 10.92 -10.47
N ALA C 62 -32.91 11.86 -11.25
CA ALA C 62 -34.25 11.70 -11.85
C ALA C 62 -34.31 10.63 -12.94
N GLY C 63 -33.18 10.34 -13.56
CA GLY C 63 -33.14 9.41 -14.67
C GLY C 63 -33.12 10.15 -15.98
N GLY D 1 35.96 8.58 -15.85
CA GLY D 1 35.95 9.65 -16.83
C GLY D 1 36.78 10.84 -16.37
N SER D 2 36.94 11.83 -17.24
CA SER D 2 37.72 13.02 -16.90
C SER D 2 36.81 14.14 -16.41
N TYR D 3 37.41 15.15 -15.79
CA TYR D 3 36.67 16.26 -15.20
C TYR D 3 37.30 17.61 -15.52
N ASN D 4 36.49 18.66 -15.50
CA ASN D 4 37.02 20.01 -15.62
C ASN D 4 37.37 20.57 -14.25
N LYS D 5 37.95 21.77 -14.22
CA LYS D 5 38.50 22.30 -12.98
C LYS D 5 37.41 22.61 -11.93
N ASP D 6 36.18 22.84 -12.39
CA ASP D 6 35.08 23.06 -11.46
C ASP D 6 34.66 21.76 -10.81
N GLN D 7 34.54 20.73 -11.62
CA GLN D 7 34.15 19.42 -11.14
C GLN D 7 35.17 18.92 -10.14
N GLN D 8 36.44 19.10 -10.50
CA GLN D 8 37.56 18.72 -9.63
C GLN D 8 37.48 19.46 -8.30
N SER D 9 37.02 20.70 -8.34
N SER D 9 37.02 20.69 -8.35
CA SER D 9 36.94 21.50 -7.13
CA SER D 9 36.93 21.52 -7.16
C SER D 9 35.85 21.01 -6.18
C SER D 9 35.87 20.99 -6.20
N ALA D 10 34.71 20.63 -6.74
CA ALA D 10 33.63 20.08 -5.92
C ALA D 10 34.05 18.78 -5.24
N PHE D 11 34.72 17.91 -6.00
CA PHE D 11 35.31 16.70 -5.44
C PHE D 11 36.20 17.03 -4.25
N TYR D 12 37.10 18.00 -4.43
CA TYR D 12 38.07 18.37 -3.40
C TYR D 12 37.39 18.86 -2.13
N GLU D 13 36.34 19.67 -2.28
CA GLU D 13 35.61 20.17 -1.11
C GLU D 13 34.98 19.06 -0.29
N ILE D 14 34.33 18.12 -0.96
CA ILE D 14 33.69 17.01 -0.27
C ILE D 14 34.70 16.05 0.36
N LEU D 15 35.76 15.77 -0.39
CA LEU D 15 36.86 14.96 0.09
C LEU D 15 37.37 15.47 1.43
N ASN D 16 37.47 16.79 1.56
CA ASN D 16 38.04 17.39 2.77
C ASN D 16 37.09 17.62 3.95
N MET D 17 35.79 17.43 3.76
CA MET D 17 34.83 17.80 4.81
C MET D 17 35.07 16.98 6.07
N PRO D 18 35.32 17.66 7.20
CA PRO D 18 35.77 16.90 8.37
C PRO D 18 34.67 16.15 9.14
N ASN D 19 33.38 16.46 8.94
CA ASN D 19 32.32 15.86 9.77
C ASN D 19 31.46 14.83 9.04
N LEU D 20 31.81 14.53 7.80
CA LEU D 20 31.13 13.47 7.07
C LEU D 20 31.75 12.13 7.47
N ASN D 21 30.94 11.07 7.57
CA ASN D 21 31.56 9.74 7.72
C ASN D 21 31.90 9.23 6.31
N GLU D 22 32.55 8.07 6.20
CA GLU D 22 33.03 7.70 4.87
C GLU D 22 31.93 7.20 3.95
N ALA D 23 30.85 6.62 4.49
CA ALA D 23 29.69 6.28 3.68
C ALA D 23 29.12 7.55 3.05
N GLN D 24 28.96 8.60 3.84
CA GLN D 24 28.38 9.84 3.32
C GLN D 24 29.33 10.51 2.31
N ARG D 25 30.60 10.60 2.66
CA ARG D 25 31.57 11.24 1.78
C ARG D 25 31.56 10.57 0.42
N ASN D 26 31.60 9.24 0.40
CA ASN D 26 31.64 8.56 -0.89
C ASN D 26 30.30 8.57 -1.64
N GLY D 27 29.19 8.62 -0.89
CA GLY D 27 27.87 8.77 -1.52
C GLY D 27 27.76 10.07 -2.30
N PHE D 28 28.25 11.16 -1.69
CA PHE D 28 28.23 12.46 -2.35
C PHE D 28 29.19 12.54 -3.52
N ILE D 29 30.38 11.98 -3.37
CA ILE D 29 31.32 11.89 -4.48
C ILE D 29 30.67 11.10 -5.61
N GLN D 30 30.01 10.00 -5.28
CA GLN D 30 29.31 9.23 -6.30
C GLN D 30 28.28 10.08 -7.03
N SER D 31 27.59 10.95 -6.29
CA SER D 31 26.57 11.82 -6.91
C SER D 31 27.21 12.79 -7.88
N LEU D 32 28.38 13.34 -7.54
CA LEU D 32 29.09 14.24 -8.45
C LEU D 32 29.43 13.53 -9.74
N LYS D 33 29.81 12.26 -9.62
CA LYS D 33 30.12 11.45 -10.79
C LYS D 33 28.84 11.13 -11.57
N ASP D 34 27.76 10.83 -10.85
CA ASP D 34 26.48 10.48 -11.47
C ASP D 34 25.95 11.56 -12.40
N ASP D 35 25.91 12.79 -11.89
CA ASP D 35 25.21 13.87 -12.61
C ASP D 35 25.97 15.18 -12.43
N PRO D 36 26.92 15.45 -13.34
CA PRO D 36 27.69 16.70 -13.32
C PRO D 36 26.83 17.96 -13.31
N SER D 37 25.64 17.92 -13.93
CA SER D 37 24.74 19.08 -13.95
C SER D 37 24.30 19.51 -12.55
N GLN D 38 24.43 18.60 -11.58
CA GLN D 38 23.95 18.86 -10.22
C GLN D 38 25.05 19.20 -9.22
N SER D 39 26.25 19.47 -9.72
CA SER D 39 27.42 19.66 -8.87
C SER D 39 27.21 20.72 -7.77
N THR D 40 26.69 21.88 -8.13
CA THR D 40 26.46 22.94 -7.16
C THR D 40 25.41 22.54 -6.10
N ASN D 41 24.33 21.90 -6.53
CA ASN D 41 23.32 21.43 -5.59
C ASN D 41 23.88 20.35 -4.66
N VAL D 42 24.59 19.41 -5.25
CA VAL D 42 25.18 18.31 -4.48
C VAL D 42 26.16 18.86 -3.44
N LEU D 43 27.04 19.77 -3.86
CA LEU D 43 27.98 20.41 -2.94
C LEU D 43 27.25 21.12 -1.79
N GLY D 44 26.17 21.82 -2.12
CA GLY D 44 25.38 22.53 -1.11
C GLY D 44 24.77 21.61 -0.06
N GLU D 45 24.30 20.45 -0.48
CA GLU D 45 23.70 19.47 0.45
C GLU D 45 24.78 18.78 1.29
N ALA D 46 25.94 18.51 0.67
CA ALA D 46 27.08 18.00 1.42
C ALA D 46 27.51 18.98 2.52
N LYS D 47 27.58 20.25 2.15
CA LYS D 47 27.91 21.29 3.14
C LYS D 47 26.92 21.30 4.30
N LYS D 48 25.63 21.19 4.00
CA LYS D 48 24.62 21.25 5.05
C LYS D 48 24.74 20.05 6.01
N LEU D 49 25.01 18.89 5.45
CA LEU D 49 25.14 17.67 6.26
C LEU D 49 26.40 17.76 7.11
N ASN D 50 27.50 18.18 6.49
CA ASN D 50 28.75 18.40 7.21
C ASN D 50 28.59 19.38 8.39
N GLU D 51 27.87 20.48 8.16
CA GLU D 51 27.67 21.46 9.23
C GLU D 51 26.80 20.93 10.38
N SER D 52 25.76 20.16 10.04
CA SER D 52 24.85 19.64 11.06
C SER D 52 25.50 18.55 11.91
N GLN D 53 26.56 17.95 11.38
CA GLN D 53 27.29 16.91 12.11
C GLN D 53 28.56 17.42 12.81
N ALA D 54 28.70 18.74 12.89
CA ALA D 54 29.83 19.35 13.62
C ALA D 54 29.80 18.99 15.10
C ACE E 1 -7.87 10.07 3.39
O ACE E 1 -8.26 9.67 4.50
CH3 ACE E 1 -8.12 11.48 2.95
N CYS E 2 -7.69 9.20 2.41
CA CYS E 2 -7.36 7.81 2.71
C CYS E 2 -5.84 7.69 2.71
N GLN E 3 -5.31 6.73 3.44
CA GLN E 3 -3.87 6.68 3.61
C GLN E 3 -3.25 5.38 3.06
N PHE E 4 -2.25 5.55 2.22
CA PHE E 4 -1.54 4.43 1.62
C PHE E 4 -0.82 3.58 2.67
N ASP E 5 -0.88 2.27 2.52
CA ASP E 5 -0.19 1.34 3.44
C ASP E 5 0.76 0.48 2.64
C 2GX E 6 2.59 -1.78 2.28
N 2GX E 6 2.01 0.41 3.09
O 2GX E 6 2.74 -2.42 1.23
CA 2GX E 6 3.02 -0.36 2.39
CB 2GX E 6 4.34 -0.35 3.12
CG 2GX E 6 5.22 -1.49 2.64
CZ 2GX E 6 6.83 -3.57 1.66
CAE 2GX E 6 6.49 3.40 3.04
CAH 2GX E 6 6.51 2.60 4.18
CAI 2GX E 6 5.76 2.97 1.93
CAL 2GX E 6 5.81 1.39 4.20
CAM 2GX E 6 5.06 1.77 1.96
CAO 2GX E 6 5.09 0.97 3.09
CD1 2GX E 6 5.89 -1.35 1.40
CD2 2GX E 6 5.36 -2.67 3.39
CE1 2GX E 6 6.69 -2.39 0.92
CE2 2GX E 6 6.15 -3.72 2.89
N SER E 7 2.07 -2.31 3.38
CA SER E 7 1.83 -3.75 3.51
C SER E 7 0.86 -4.30 2.44
N THR E 8 -0.13 -3.50 2.08
CA THR E 8 -1.15 -3.91 1.11
C THR E 8 -0.98 -3.24 -0.25
N 56C E 9 -0.20 -2.16 -0.28
N 56C E 9 -0.20 -2.17 -0.29
CA 56C E 9 -0.05 -1.31 -1.45
CA 56C E 9 -0.06 -1.32 -1.46
C 56C E 9 -1.42 -0.70 -1.78
C 56C E 9 -1.43 -0.70 -1.77
O 56C E 9 -1.75 -0.44 -2.96
O 56C E 9 -1.76 -0.46 -2.96
CB 56C E 9 0.49 -2.06 -2.66
CB 56C E 9 0.46 -2.08 -2.69
CG 56C E 9 1.78 -2.82 -2.38
CG 56C E 9 1.75 -2.84 -2.44
CD 56C E 9 2.92 -2.16 -3.13
CD 56C E 9 2.91 -2.09 -3.06
NE 56C E 9 4.25 -2.74 -2.99
NE 56C E 9 4.22 -2.70 -3.00
CZ 56C E 9 5.03 -2.90 -4.04
CZ 56C E 9 4.94 -2.94 -4.08
NH1 56C E 9 4.57 -2.54 -5.23
NH1 56C E 9 4.44 -2.61 -5.26
C01 56C E 9 8.26 -4.35 -2.71
C01 56C E 9 8.27 -3.95 -2.70
N01 56C E 9 6.25 -3.38 -3.95
N01 56C E 9 6.15 -3.48 -4.01
O01 56C E 9 8.99 -3.93 -1.59
O01 56C E 9 8.74 -3.84 -1.39
C02 56C E 9 6.84 -3.79 -2.68
C02 56C E 9 6.74 -3.84 -2.75
N02 56C E 9 14.92 -6.91 -6.83
N02 56C E 9 16.12 -7.58 1.77
O02 56C E 9 12.16 -4.12 -1.43
O02 56C E 9 11.92 -4.36 -1.12
C03 56C E 9 9.90 -4.91 -1.14
C03 56C E 9 9.59 -4.89 -1.01
N03 56C E 9 15.85 -7.38 -7.48
N03 56C E 9 16.81 -7.81 0.80
C04 56C E 9 11.11 -4.23 -0.51
C04 56C E 9 10.79 -4.32 -0.28
N04 56C E 9 16.79 -7.86 -8.17
N04 56C E 9 17.53 -8.06 -0.20
O04 56C E 9 13.53 -5.47 -4.14
O04 56C E 9 14.67 -4.70 0.68
C05 56C E 9 12.61 -5.35 -1.94
C05 56C E 9 13.03 -3.64 -0.64
C06 56C E 9 13.84 -5.13 -2.81
C06 56C E 9 13.41 -4.10 0.75
C07 56C E 9 14.04 -6.71 -4.57
C07 56C E 9 15.01 -5.46 1.80
C08 56C E 9 15.24 -6.49 -5.48
C08 56C E 9 14.83 -6.95 1.51
N ARG E 10 -2.21 -0.44 -0.73
CA ARG E 10 -3.57 0.07 -0.90
C ARG E 10 -3.88 1.24 0.04
N LEU E 11 -4.74 2.13 -0.43
CA LEU E 11 -5.36 3.13 0.42
C LEU E 11 -6.21 2.46 1.48
N ARG E 12 -6.12 2.96 2.72
CA ARG E 12 -7.02 2.56 3.78
C ARG E 12 -7.78 3.79 4.28
N CYS E 13 -9.11 3.70 4.30
CA CYS E 13 -9.95 4.88 4.57
C CYS E 13 -10.47 4.97 6.00
OAB MRY F . 5.28 -6.46 0.65
CAA MRY F . 5.23 -7.50 1.55
CAC MRY F . 4.29 -7.17 2.65
OAD MRY F . 3.05 -7.68 2.32
CAE MRY F . 4.75 -7.81 3.91
OAF MRY F . 5.96 -7.27 4.25
CAG MRY F . 3.78 -7.57 5.01
OAH MRY F . 3.61 -6.22 5.16
#